data_2HEI
#
_entry.id   2HEI
#
_cell.length_a   41.302
_cell.length_b   78.370
_cell.length_c   95.501
_cell.angle_alpha   90.00
_cell.angle_beta   90.00
_cell.angle_gamma   90.00
#
_symmetry.space_group_name_H-M   'P 21 21 21'
#
loop_
_entity.id
_entity.type
_entity.pdbx_description
1 polymer 'Ras-related protein Rab-5B'
2 non-polymer "GUANOSINE-5'-DIPHOSPHATE"
3 non-polymer (4S,5S)-1,2-DITHIANE-4,5-DIOL
4 water water
#
_entity_poly.entity_id   1
_entity_poly.type   'polypeptide(L)'
_entity_poly.pdbx_seq_one_letter_code
;GSASKICQFKLVLLGESAVGKSSLVLRFVKGQFHEYQESTIGAAFLTQSVCLDDTTVKFEIWDTAGQERYHSLAPMYYRG
AQAAIVVYDITNQETFARAKTWVKELQRQASPSIVIALAGNKADLANKRMVEYEEAQAYADDNSLLFMETSAKTAMNVND
LFLAIAKKLPKSEPQNLGG
;
_entity_poly.pdbx_strand_id   A,B
#
# COMPACT_ATOMS: atom_id res chain seq x y z
N ILE A 6 26.69 1.62 12.60
CA ILE A 6 25.36 1.04 12.27
C ILE A 6 25.23 0.88 10.76
N CYS A 7 25.04 -0.37 10.31
CA CYS A 7 24.66 -0.65 8.91
C CYS A 7 23.15 -0.68 8.84
N GLN A 8 22.60 -0.01 7.84
CA GLN A 8 21.16 0.05 7.61
C GLN A 8 20.79 -0.46 6.23
N PHE A 9 19.84 -1.38 6.15
CA PHE A 9 19.44 -2.02 4.91
C PHE A 9 17.93 -1.99 4.74
N LYS A 10 17.47 -2.20 3.49
CA LYS A 10 16.06 -2.34 3.17
C LYS A 10 15.73 -3.83 2.98
N LEU A 11 14.59 -4.23 3.54
CA LEU A 11 14.13 -5.62 3.54
C LEU A 11 12.66 -5.63 3.12
N VAL A 12 12.30 -6.55 2.20
CA VAL A 12 10.90 -6.66 1.74
C VAL A 12 10.29 -7.98 2.15
N LEU A 13 9.02 -7.94 2.62
CA LEU A 13 8.28 -9.19 2.95
C LEU A 13 7.31 -9.55 1.82
N LEU A 14 7.41 -10.81 1.37
CA LEU A 14 6.56 -11.36 0.29
C LEU A 14 5.82 -12.60 0.77
N GLY A 15 4.76 -12.98 0.05
CA GLY A 15 3.98 -14.16 0.38
C GLY A 15 2.48 -13.94 0.21
N GLU A 16 1.75 -15.04 0.07
CA GLU A 16 0.28 -14.98 -0.11
C GLU A 16 -0.42 -14.19 0.98
N SER A 17 -1.50 -13.52 0.62
CA SER A 17 -2.31 -12.84 1.62
C SER A 17 -2.74 -13.84 2.73
N ALA A 18 -2.62 -13.39 4.00
CA ALA A 18 -3.00 -14.09 5.23
C ALA A 18 -1.97 -15.07 5.77
N VAL A 19 -0.77 -15.12 5.20
CA VAL A 19 0.26 -16.00 5.76
C VAL A 19 0.87 -15.46 7.04
N GLY A 20 0.80 -14.12 7.21
CA GLY A 20 1.35 -13.48 8.45
C GLY A 20 2.46 -12.46 8.24
N LYS A 21 2.58 -11.90 7.03
CA LYS A 21 3.63 -10.89 6.74
C LYS A 21 3.52 -9.72 7.68
N SER A 22 2.32 -9.18 7.80
CA SER A 22 2.12 -7.97 8.63
C SER A 22 2.40 -8.30 10.08
N SER A 23 1.84 -9.42 10.56
CA SER A 23 2.04 -9.89 11.91
C SER A 23 3.52 -10.07 12.23
N LEU A 24 4.29 -10.62 11.30
CA LEU A 24 5.70 -10.85 11.56
C LEU A 24 6.46 -9.52 11.72
N VAL A 25 6.18 -8.57 10.84
CA VAL A 25 6.84 -7.24 10.94
C VAL A 25 6.43 -6.56 12.27
N LEU A 26 5.14 -6.57 12.59
CA LEU A 26 4.66 -5.92 13.86
C LEU A 26 5.30 -6.59 15.07
N ARG A 27 5.44 -7.91 15.04
CA ARG A 27 6.08 -8.59 16.15
C ARG A 27 7.55 -8.19 16.30
N PHE A 28 8.26 -8.12 15.19
CA PHE A 28 9.66 -7.75 15.25
C PHE A 28 9.85 -6.29 15.67
N VAL A 29 9.07 -5.41 15.09
CA VAL A 29 9.30 -3.95 15.27
C VAL A 29 8.71 -3.48 16.61
N LYS A 30 7.47 -3.88 16.90
CA LYS A 30 6.73 -3.42 18.09
C LYS A 30 6.75 -4.40 19.26
N GLY A 31 7.08 -5.67 19.00
CA GLY A 31 7.25 -6.65 20.08
C GLY A 31 6.03 -7.48 20.39
N GLN A 32 4.92 -7.12 19.73
CA GLN A 32 3.60 -7.61 20.08
C GLN A 32 2.83 -8.27 18.95
N PHE A 33 1.74 -8.91 19.33
CA PHE A 33 0.79 -9.55 18.38
C PHE A 33 -0.62 -9.35 18.89
N HIS A 34 -1.52 -8.95 17.97
CA HIS A 34 -2.98 -8.93 18.25
C HIS A 34 -3.71 -9.69 17.14
N GLU A 35 -4.42 -10.75 17.48
CA GLU A 35 -4.98 -11.62 16.45
C GLU A 35 -6.15 -10.90 15.74
N TYR A 36 -6.36 -11.25 14.47
CA TYR A 36 -7.48 -10.71 13.67
C TYR A 36 -7.44 -9.18 13.43
N GLN A 37 -6.26 -8.56 13.59
CA GLN A 37 -6.07 -7.16 13.20
C GLN A 37 -6.10 -7.03 11.68
N GLU A 38 -6.37 -5.83 11.21
CA GLU A 38 -6.32 -5.53 9.80
C GLU A 38 -4.94 -5.92 9.24
N SER A 39 -4.94 -6.56 8.06
CA SER A 39 -3.67 -7.10 7.47
C SER A 39 -2.82 -6.01 6.82
N THR A 40 -2.11 -5.28 7.67
CA THR A 40 -1.31 -4.14 7.27
C THR A 40 -0.37 -3.80 8.42
N ILE A 41 0.74 -3.11 8.10
CA ILE A 41 1.63 -2.58 9.15
C ILE A 41 1.33 -1.13 9.49
N GLY A 42 0.35 -0.52 8.83
CA GLY A 42 -0.11 0.81 9.23
C GLY A 42 0.92 1.94 9.00
N ALA A 43 1.88 1.66 8.13
CA ALA A 43 3.03 2.53 7.94
C ALA A 43 3.60 2.20 6.57
N ALA A 44 4.17 3.20 5.90
CA ALA A 44 4.79 2.95 4.59
C ALA A 44 5.91 1.92 4.71
N PHE A 45 6.64 2.01 5.81
CA PHE A 45 7.63 1.01 6.18
C PHE A 45 7.92 1.22 7.65
N LEU A 46 8.46 0.20 8.31
CA LEU A 46 8.84 0.30 9.72
C LEU A 46 10.30 -0.06 9.90
N THR A 47 10.93 0.45 10.94
CA THR A 47 12.32 0.17 11.21
C THR A 47 12.53 -0.51 12.54
N GLN A 48 13.49 -1.43 12.59
CA GLN A 48 13.95 -2.05 13.87
C GLN A 48 15.38 -2.56 13.64
N SER A 49 16.14 -2.71 14.72
CA SER A 49 17.53 -3.16 14.64
C SER A 49 17.74 -4.49 15.38
N VAL A 50 18.91 -5.07 15.08
CA VAL A 50 19.47 -6.24 15.72
C VAL A 50 20.95 -5.90 16.02
N CYS A 51 21.47 -6.23 17.20
CA CYS A 51 22.91 -5.99 17.45
C CYS A 51 23.77 -7.23 17.16
N LEU A 52 24.88 -7.01 16.45
CA LEU A 52 25.90 -8.05 16.24
C LEU A 52 27.16 -7.62 16.93
N THR A 56 25.74 -2.93 14.81
CA THR A 56 24.27 -2.85 14.79
C THR A 56 23.74 -2.84 13.39
N VAL A 57 22.76 -3.72 13.13
CA VAL A 57 22.10 -3.79 11.83
C VAL A 57 20.66 -3.30 11.97
N LYS A 58 20.35 -2.28 11.19
CA LYS A 58 19.06 -1.63 11.18
C LYS A 58 18.34 -1.96 9.89
N PHE A 59 17.08 -2.45 10.01
CA PHE A 59 16.23 -2.79 8.85
C PHE A 59 15.10 -1.78 8.65
N GLU A 60 14.96 -1.32 7.41
CA GLU A 60 13.79 -0.58 6.94
C GLU A 60 12.94 -1.62 6.19
N ILE A 61 11.79 -1.94 6.76
CA ILE A 61 11.01 -3.15 6.39
C ILE A 61 9.75 -2.73 5.63
N TRP A 62 9.63 -3.24 4.40
CA TRP A 62 8.53 -2.96 3.51
C TRP A 62 7.63 -4.22 3.49
N ASP A 63 6.37 -4.03 3.75
CA ASP A 63 5.36 -5.07 3.72
C ASP A 63 4.68 -4.95 2.33
N THR A 64 4.20 -6.09 1.83
CA THR A 64 3.44 -6.15 0.53
C THR A 64 1.97 -6.61 0.74
N ALA A 65 1.53 -6.71 1.98
CA ALA A 65 0.18 -7.03 2.31
C ALA A 65 -0.77 -6.02 1.66
N GLY A 66 -1.76 -6.53 0.93
CA GLY A 66 -2.69 -5.68 0.21
C GLY A 66 -2.25 -5.43 -1.22
N GLN A 67 -1.01 -5.79 -1.54
CA GLN A 67 -0.43 -5.50 -2.85
C GLN A 67 0.01 -6.79 -3.56
N GLU A 68 -0.28 -7.95 -2.96
CA GLU A 68 0.27 -9.23 -3.41
C GLU A 68 -0.02 -9.49 -4.90
N ARG A 69 -1.22 -9.09 -5.35
CA ARG A 69 -1.65 -9.38 -6.74
C ARG A 69 -0.79 -8.66 -7.77
N TYR A 70 -0.14 -7.58 -7.38
CA TYR A 70 0.43 -6.64 -8.35
C TYR A 70 1.93 -6.82 -8.58
N HIS A 71 2.29 -7.86 -9.34
CA HIS A 71 3.68 -8.18 -9.54
C HIS A 71 4.46 -7.09 -10.32
N SER A 72 3.77 -6.24 -11.08
CA SER A 72 4.42 -5.14 -11.75
C SER A 72 4.84 -4.00 -10.78
N LEU A 73 4.52 -4.14 -9.49
CA LEU A 73 5.09 -3.27 -8.46
C LEU A 73 6.53 -3.68 -8.07
N ALA A 74 6.95 -4.89 -8.49
CA ALA A 74 8.28 -5.43 -8.15
C ALA A 74 9.43 -4.44 -8.28
N PRO A 75 9.55 -3.79 -9.46
CA PRO A 75 10.66 -2.84 -9.63
C PRO A 75 10.81 -1.83 -8.47
N MET A 76 9.69 -1.28 -8.02
CA MET A 76 9.73 -0.31 -6.97
C MET A 76 10.11 -0.96 -5.65
N TYR A 77 9.45 -2.07 -5.29
CA TYR A 77 9.70 -2.73 -3.99
C TYR A 77 11.11 -3.30 -3.89
N TYR A 78 11.62 -3.85 -4.98
CA TYR A 78 12.92 -4.49 -4.95
C TYR A 78 14.07 -3.53 -5.14
N ARG A 79 13.82 -2.34 -5.68
CA ARG A 79 14.88 -1.38 -5.88
C ARG A 79 15.41 -0.96 -4.50
N GLY A 80 16.73 -1.05 -4.34
CA GLY A 80 17.40 -0.71 -3.09
C GLY A 80 17.17 -1.68 -1.94
N ALA A 81 16.62 -2.85 -2.23
CA ALA A 81 16.45 -3.93 -1.23
C ALA A 81 17.70 -4.79 -1.18
N GLN A 82 18.17 -5.03 0.05
CA GLN A 82 19.28 -5.92 0.30
C GLN A 82 18.85 -7.28 0.84
N ALA A 83 17.62 -7.35 1.30
CA ALA A 83 17.07 -8.56 1.84
C ALA A 83 15.61 -8.71 1.55
N ALA A 84 15.16 -9.93 1.59
CA ALA A 84 13.74 -10.29 1.48
C ALA A 84 13.40 -11.53 2.27
N ILE A 85 12.18 -11.56 2.83
CA ILE A 85 11.61 -12.74 3.49
C ILE A 85 10.38 -13.13 2.72
N VAL A 86 10.37 -14.35 2.17
CA VAL A 86 9.16 -14.93 1.61
C VAL A 86 8.50 -15.81 2.63
N VAL A 87 7.23 -15.53 2.90
CA VAL A 87 6.52 -16.13 4.00
C VAL A 87 5.46 -17.08 3.43
N TYR A 88 5.34 -18.23 4.05
CA TYR A 88 4.17 -19.13 3.82
C TYR A 88 3.57 -19.51 5.16
N ASP A 89 2.46 -20.26 5.11
CA ASP A 89 1.72 -20.70 6.24
C ASP A 89 1.88 -22.23 6.27
N ILE A 90 2.44 -22.76 7.34
CA ILE A 90 2.79 -24.21 7.37
C ILE A 90 1.54 -25.07 7.32
N THR A 91 0.39 -24.47 7.56
CA THR A 91 -0.91 -25.21 7.54
C THR A 91 -1.56 -25.22 6.17
N ASN A 92 -0.95 -24.56 5.21
CA ASN A 92 -1.54 -24.34 3.89
C ASN A 92 -0.48 -24.60 2.82
N GLN A 93 -0.57 -25.78 2.18
CA GLN A 93 0.37 -26.21 1.13
C GLN A 93 0.46 -25.26 -0.07
N GLU A 94 -0.68 -24.71 -0.50
CA GLU A 94 -0.73 -23.80 -1.63
C GLU A 94 0.14 -22.53 -1.41
N THR A 95 0.23 -22.11 -0.15
CA THR A 95 1.03 -20.93 0.18
C THR A 95 2.51 -21.25 0.10
N PHE A 96 2.90 -22.50 0.32
CA PHE A 96 4.29 -22.90 0.10
C PHE A 96 4.61 -22.92 -1.43
N ALA A 97 3.70 -23.54 -2.24
CA ALA A 97 3.83 -23.46 -3.70
C ALA A 97 3.96 -22.04 -4.25
N ARG A 98 3.04 -21.16 -3.80
CA ARG A 98 3.15 -19.72 -4.02
C ARG A 98 4.49 -19.03 -3.59
N ALA A 99 4.98 -19.40 -2.41
CA ALA A 99 6.29 -18.88 -1.94
C ALA A 99 7.40 -19.17 -2.97
N LYS A 100 7.36 -20.37 -3.58
CA LYS A 100 8.37 -20.69 -4.60
C LYS A 100 8.31 -19.77 -5.75
N THR A 101 7.10 -19.37 -6.13
CA THR A 101 6.93 -18.41 -7.21
C THR A 101 7.58 -17.05 -6.89
N TRP A 102 7.48 -16.62 -5.63
CA TRP A 102 8.11 -15.35 -5.24
C TRP A 102 9.64 -15.46 -5.09
N VAL A 103 10.11 -16.58 -4.54
CA VAL A 103 11.56 -16.85 -4.56
C VAL A 103 12.10 -16.76 -5.97
N LYS A 104 11.45 -17.44 -6.90
CA LYS A 104 11.79 -17.29 -8.33
C LYS A 104 11.78 -15.84 -8.82
N GLU A 105 10.73 -15.11 -8.50
CA GLU A 105 10.64 -13.71 -8.92
C GLU A 105 11.80 -12.87 -8.39
N LEU A 106 12.15 -13.06 -7.11
CA LEU A 106 13.30 -12.34 -6.54
C LEU A 106 14.59 -12.68 -7.27
N GLN A 107 14.76 -13.96 -7.56
CA GLN A 107 15.93 -14.46 -8.27
C GLN A 107 16.05 -13.87 -9.67
N ARG A 108 14.92 -13.70 -10.33
CA ARG A 108 14.93 -13.11 -11.65
C ARG A 108 14.94 -11.60 -11.67
N GLN A 109 14.41 -10.96 -10.64
CA GLN A 109 14.09 -9.55 -10.73
C GLN A 109 14.76 -8.64 -9.73
N ALA A 110 15.10 -9.15 -8.55
CA ALA A 110 15.79 -8.32 -7.50
C ALA A 110 17.26 -8.25 -7.75
N SER A 111 18.01 -7.52 -6.92
CA SER A 111 19.45 -7.45 -7.10
C SER A 111 20.07 -8.84 -6.91
N PRO A 112 21.09 -9.15 -7.71
CA PRO A 112 21.70 -10.45 -7.59
C PRO A 112 22.31 -10.76 -6.21
N SER A 113 22.65 -9.71 -5.47
CA SER A 113 23.18 -9.77 -4.12
C SER A 113 22.16 -9.87 -2.99
N ILE A 114 20.87 -9.86 -3.31
CA ILE A 114 19.85 -9.89 -2.27
C ILE A 114 19.95 -11.16 -1.38
N VAL A 115 19.80 -11.00 -0.04
CA VAL A 115 19.73 -12.12 0.88
C VAL A 115 18.30 -12.49 1.07
N ILE A 116 17.95 -13.73 0.72
CA ILE A 116 16.56 -14.22 0.76
C ILE A 116 16.37 -15.25 1.89
N ALA A 117 15.35 -15.03 2.69
CA ALA A 117 14.94 -15.96 3.71
C ALA A 117 13.57 -16.44 3.41
N LEU A 118 13.34 -17.67 3.76
CA LEU A 118 12.01 -18.31 3.73
C LEU A 118 11.50 -18.53 5.17
N ALA A 119 10.28 -18.05 5.48
CA ALA A 119 9.70 -18.24 6.80
C ALA A 119 8.43 -19.09 6.72
N GLY A 120 8.44 -20.24 7.39
CA GLY A 120 7.23 -21.07 7.59
C GLY A 120 6.52 -20.59 8.82
N ASN A 121 5.52 -19.73 8.61
CA ASN A 121 4.84 -19.07 9.69
C ASN A 121 3.59 -19.83 10.19
N LYS A 122 3.11 -19.43 11.35
CA LYS A 122 1.98 -20.08 12.06
C LYS A 122 2.40 -21.45 12.55
N ALA A 123 3.68 -21.59 12.84
CA ALA A 123 4.23 -22.83 13.43
C ALA A 123 3.66 -23.18 14.84
N ASP A 124 2.99 -22.22 15.48
CA ASP A 124 2.18 -22.51 16.68
C ASP A 124 1.01 -23.47 16.37
N LEU A 125 0.65 -23.58 15.09
CA LEU A 125 -0.45 -24.48 14.65
C LEU A 125 0.12 -25.78 14.03
N ALA A 126 1.26 -26.25 14.57
CA ALA A 126 1.94 -27.47 14.09
C ALA A 126 1.02 -28.70 14.03
N ASN A 127 0.00 -28.76 14.89
CA ASN A 127 -0.99 -29.85 14.81
C ASN A 127 -1.76 -29.85 13.49
N LYS A 128 -1.98 -28.66 12.91
CA LYS A 128 -2.61 -28.48 11.61
C LYS A 128 -1.58 -28.37 10.44
N ARG A 129 -0.34 -28.81 10.68
CA ARG A 129 0.71 -28.76 9.66
C ARG A 129 0.42 -29.55 8.37
N MET A 130 0.59 -28.88 7.21
CA MET A 130 0.47 -29.51 5.87
C MET A 130 1.72 -29.38 4.99
N VAL A 131 2.68 -28.55 5.42
CA VAL A 131 3.96 -28.42 4.74
C VAL A 131 5.03 -29.01 5.65
N GLU A 132 5.71 -30.06 5.18
CA GLU A 132 6.69 -30.72 6.05
C GLU A 132 7.93 -29.83 6.22
N TYR A 133 8.40 -29.75 7.46
CA TYR A 133 9.64 -29.00 7.81
C TYR A 133 10.82 -29.43 6.95
N GLU A 134 10.95 -30.76 6.73
CA GLU A 134 12.05 -31.30 5.96
C GLU A 134 11.91 -30.95 4.46
N GLU A 135 10.67 -30.83 3.99
CA GLU A 135 10.42 -30.40 2.63
C GLU A 135 10.86 -28.95 2.40
N ALA A 136 10.43 -28.06 3.28
CA ALA A 136 10.81 -26.65 3.16
C ALA A 136 12.33 -26.48 3.36
N GLN A 137 12.91 -27.22 4.31
CA GLN A 137 14.36 -27.13 4.53
C GLN A 137 15.14 -27.55 3.27
N ALA A 138 14.80 -28.70 2.65
CA ALA A 138 15.44 -29.10 1.41
C ALA A 138 15.33 -28.07 0.35
N TYR A 139 14.15 -27.47 0.23
CA TYR A 139 13.90 -26.47 -0.80
C TYR A 139 14.78 -25.22 -0.56
N ALA A 140 14.81 -24.79 0.69
CA ALA A 140 15.61 -23.66 1.10
C ALA A 140 17.08 -23.95 0.81
N ASP A 141 17.53 -25.14 1.20
CA ASP A 141 18.93 -25.53 0.93
C ASP A 141 19.23 -25.49 -0.58
N ASP A 142 18.34 -26.06 -1.40
CA ASP A 142 18.52 -26.03 -2.88
C ASP A 142 18.57 -24.62 -3.50
N ASN A 143 18.04 -23.63 -2.79
CA ASN A 143 17.98 -22.28 -3.33
C ASN A 143 18.84 -21.28 -2.57
N SER A 144 19.75 -21.79 -1.74
CA SER A 144 20.64 -20.94 -0.96
C SER A 144 19.84 -19.92 -0.12
N LEU A 145 18.74 -20.37 0.46
CA LEU A 145 17.89 -19.52 1.29
C LEU A 145 18.08 -19.83 2.77
N LEU A 146 17.96 -18.81 3.61
CA LEU A 146 17.83 -18.97 5.02
C LEU A 146 16.42 -19.55 5.23
N PHE A 147 16.25 -20.41 6.22
CA PHE A 147 14.95 -20.97 6.53
C PHE A 147 14.73 -21.15 7.99
N MET A 148 13.61 -20.62 8.48
CA MET A 148 13.13 -20.94 9.80
C MET A 148 11.62 -21.05 9.79
N GLU A 149 11.10 -21.87 10.71
CA GLU A 149 9.69 -21.81 11.04
C GLU A 149 9.50 -20.73 12.14
N THR A 150 8.40 -19.99 12.02
CA THR A 150 8.14 -18.85 12.87
C THR A 150 6.73 -18.87 13.37
N SER A 151 6.51 -18.14 14.45
CA SER A 151 5.17 -17.82 14.89
C SER A 151 5.11 -16.37 15.33
N ALA A 152 4.47 -15.52 14.54
CA ALA A 152 4.18 -14.15 15.03
C ALA A 152 3.36 -14.23 16.30
N LYS A 153 2.48 -15.22 16.37
CA LYS A 153 1.55 -15.32 17.49
C LYS A 153 2.22 -15.50 18.83
N THR A 154 3.25 -16.32 18.88
CA THR A 154 3.99 -16.54 20.15
C THR A 154 5.33 -15.78 20.19
N ALA A 155 5.77 -15.27 19.03
CA ALA A 155 7.12 -14.69 18.78
C ALA A 155 8.23 -15.70 18.48
N MET A 156 7.91 -17.00 18.53
CA MET A 156 8.90 -18.06 18.26
C MET A 156 9.64 -17.82 16.98
N ASN A 157 10.96 -17.65 17.14
CA ASN A 157 11.91 -17.52 16.05
C ASN A 157 11.86 -16.23 15.24
N VAL A 158 10.99 -15.28 15.60
CA VAL A 158 10.81 -14.06 14.79
C VAL A 158 12.08 -13.20 14.82
N ASN A 159 12.51 -12.79 16.00
CA ASN A 159 13.73 -11.99 16.11
C ASN A 159 14.92 -12.75 15.52
N ASP A 160 14.96 -14.06 15.73
CA ASP A 160 16.10 -14.84 15.33
C ASP A 160 16.19 -14.99 13.81
N LEU A 161 15.06 -14.89 13.12
CA LEU A 161 15.10 -14.90 11.67
C LEU A 161 15.81 -13.62 11.18
N PHE A 162 15.39 -12.48 11.74
CA PHE A 162 16.01 -11.20 11.36
C PHE A 162 17.50 -11.14 11.71
N LEU A 163 17.87 -11.76 12.83
CA LEU A 163 19.26 -11.88 13.20
C LEU A 163 20.06 -12.71 12.19
N ALA A 164 19.51 -13.85 11.76
CA ALA A 164 20.18 -14.70 10.77
C ALA A 164 20.41 -13.95 9.48
N ILE A 165 19.43 -13.12 9.08
CA ILE A 165 19.56 -12.32 7.86
C ILE A 165 20.68 -11.30 8.07
N ALA A 166 20.65 -10.66 9.24
CA ALA A 166 21.66 -9.64 9.56
C ALA A 166 23.07 -10.14 9.48
N LYS A 167 23.28 -11.36 9.96
CA LYS A 167 24.60 -11.99 9.89
C LYS A 167 25.08 -12.27 8.46
N LYS A 168 24.12 -12.48 7.54
CA LYS A 168 24.45 -12.81 6.13
C LYS A 168 24.68 -11.58 5.29
N LEU A 169 24.25 -10.43 5.78
CA LEU A 169 24.39 -9.15 5.06
C LEU A 169 25.84 -8.65 5.12
N PRO A 170 26.21 -7.71 4.22
CA PRO A 170 27.60 -7.24 4.20
C PRO A 170 27.94 -6.27 5.33
N LYS A 171 29.20 -6.27 5.74
CA LYS A 171 29.65 -5.38 6.83
C LYS A 171 30.55 -4.31 6.25
N LYS B 5 -7.10 -7.47 -21.23
CA LYS B 5 -6.25 -7.12 -20.06
C LYS B 5 -6.92 -6.07 -19.19
N ILE B 6 -7.71 -6.53 -18.20
CA ILE B 6 -8.32 -5.64 -17.22
C ILE B 6 -7.52 -5.66 -15.91
N CYS B 7 -6.78 -4.58 -15.65
CA CYS B 7 -6.17 -4.34 -14.35
C CYS B 7 -7.20 -3.63 -13.50
N GLN B 8 -7.39 -4.13 -12.28
CA GLN B 8 -8.33 -3.55 -11.34
C GLN B 8 -7.57 -3.12 -10.09
N PHE B 9 -7.85 -1.90 -9.63
CA PHE B 9 -7.16 -1.29 -8.50
C PHE B 9 -8.12 -0.67 -7.52
N LYS B 10 -7.63 -0.47 -6.29
CA LYS B 10 -8.36 0.23 -5.24
C LYS B 10 -7.84 1.70 -5.09
N LEU B 11 -8.77 2.64 -5.06
CA LEU B 11 -8.45 4.09 -5.00
C LEU B 11 -9.26 4.67 -3.83
N VAL B 12 -8.61 5.52 -3.05
CA VAL B 12 -9.24 6.19 -1.88
CA VAL B 12 -9.28 6.17 -1.94
C VAL B 12 -9.29 7.69 -2.10
N LEU B 13 -10.42 8.33 -1.73
CA LEU B 13 -10.56 9.79 -1.79
C LEU B 13 -10.46 10.39 -0.40
N LEU B 14 -9.59 11.39 -0.30
CA LEU B 14 -9.32 12.12 0.96
CA LEU B 14 -9.29 12.14 0.95
C LEU B 14 -9.55 13.62 0.74
N GLY B 15 -9.80 14.35 1.83
CA GLY B 15 -10.01 15.80 1.76
C GLY B 15 -11.04 16.25 2.79
N GLU B 16 -11.00 17.53 3.09
CA GLU B 16 -11.90 18.09 4.11
C GLU B 16 -13.35 17.89 3.71
N SER B 17 -14.23 17.75 4.70
CA SER B 17 -15.65 17.67 4.44
C SER B 17 -16.08 18.90 3.58
N ALA B 18 -16.94 18.65 2.57
CA ALA B 18 -17.56 19.65 1.66
C ALA B 18 -16.69 20.13 0.54
N VAL B 19 -15.51 19.50 0.33
CA VAL B 19 -14.66 19.89 -0.83
C VAL B 19 -15.19 19.33 -2.15
N GLY B 20 -15.98 18.22 -2.04
CA GLY B 20 -16.56 17.57 -3.22
C GLY B 20 -16.12 16.14 -3.53
N LYS B 21 -15.55 15.45 -2.55
CA LYS B 21 -15.13 14.03 -2.71
C LYS B 21 -16.29 13.20 -3.24
N SER B 22 -17.41 13.22 -2.55
CA SER B 22 -18.54 12.35 -2.93
C SER B 22 -19.05 12.76 -4.32
N SER B 23 -19.14 14.06 -4.57
CA SER B 23 -19.57 14.57 -5.87
C SER B 23 -18.63 14.07 -6.98
N LEU B 24 -17.34 14.08 -6.74
CA LEU B 24 -16.40 13.70 -7.76
C LEU B 24 -16.59 12.21 -8.10
N VAL B 25 -16.72 11.39 -7.09
CA VAL B 25 -16.92 9.94 -7.29
C VAL B 25 -18.21 9.72 -8.06
N LEU B 26 -19.30 10.36 -7.64
CA LEU B 26 -20.58 10.14 -8.34
C LEU B 26 -20.49 10.62 -9.78
N ARG B 27 -19.79 11.72 -10.02
CA ARG B 27 -19.68 12.21 -11.37
C ARG B 27 -18.93 11.22 -12.27
N PHE B 28 -17.81 10.69 -11.80
CA PHE B 28 -17.07 9.71 -12.56
C PHE B 28 -17.84 8.42 -12.76
N VAL B 29 -18.45 7.92 -11.71
CA VAL B 29 -19.06 6.56 -11.70
C VAL B 29 -20.40 6.62 -12.42
N LYS B 30 -21.26 7.55 -12.00
CA LYS B 30 -22.64 7.65 -12.54
C LYS B 30 -22.81 8.69 -13.66
N GLY B 31 -21.83 9.56 -13.86
CA GLY B 31 -21.86 10.53 -14.94
C GLY B 31 -22.51 11.84 -14.64
N GLN B 32 -23.08 11.95 -13.44
CA GLN B 32 -23.97 13.03 -13.10
C GLN B 32 -23.63 13.80 -11.86
N PHE B 33 -24.30 14.94 -11.73
CA PHE B 33 -24.16 15.84 -10.55
C PHE B 33 -25.51 16.34 -10.10
N HIS B 34 -25.77 16.24 -8.80
CA HIS B 34 -26.96 16.91 -8.19
C HIS B 34 -26.51 17.74 -6.99
N GLU B 35 -26.61 19.07 -7.10
CA GLU B 35 -26.07 19.94 -6.06
C GLU B 35 -26.83 19.74 -4.71
N TYR B 36 -26.13 19.96 -3.61
CA TYR B 36 -26.74 19.95 -2.26
C TYR B 36 -27.28 18.59 -1.77
N GLN B 37 -27.04 17.49 -2.49
CA GLN B 37 -27.48 16.19 -2.01
C GLN B 37 -26.50 15.68 -0.92
N GLU B 38 -26.88 14.61 -0.22
CA GLU B 38 -26.16 14.16 0.98
C GLU B 38 -24.69 13.87 0.67
N SER B 39 -23.79 14.22 1.60
CA SER B 39 -22.33 14.03 1.39
C SER B 39 -21.88 12.58 1.59
N THR B 40 -22.25 11.74 0.63
CA THR B 40 -21.96 10.32 0.66
C THR B 40 -22.14 9.79 -0.75
N ILE B 41 -21.47 8.68 -1.06
CA ILE B 41 -21.68 7.96 -2.34
C ILE B 41 -22.73 6.86 -2.24
N GLY B 42 -23.28 6.66 -1.05
CA GLY B 42 -24.41 5.76 -0.90
C GLY B 42 -24.11 4.30 -1.15
N ALA B 43 -22.83 3.95 -1.03
CA ALA B 43 -22.32 2.62 -1.30
C ALA B 43 -21.02 2.45 -0.54
N ALA B 44 -20.73 1.22 -0.13
CA ALA B 44 -19.46 0.94 0.52
C ALA B 44 -18.30 1.38 -0.38
N PHE B 45 -18.42 1.10 -1.67
CA PHE B 45 -17.50 1.59 -2.67
C PHE B 45 -18.22 1.52 -4.01
N LEU B 46 -17.70 2.24 -5.00
CA LEU B 46 -18.24 2.19 -6.34
C LEU B 46 -17.14 1.86 -7.32
N THR B 47 -17.53 1.29 -8.45
CA THR B 47 -16.58 0.92 -9.46
C THR B 47 -16.82 1.64 -10.80
N GLN B 48 -15.74 1.98 -11.48
CA GLN B 48 -15.77 2.52 -12.83
C GLN B 48 -14.42 2.27 -13.52
N SER B 49 -14.44 2.23 -14.86
CA SER B 49 -13.25 1.98 -15.63
C SER B 49 -12.83 3.17 -16.55
N VAL B 50 -11.57 3.06 -17.00
CA VAL B 50 -10.93 3.92 -17.96
C VAL B 50 -10.25 2.97 -18.98
N CYS B 51 -10.48 3.17 -20.29
CA CYS B 51 -9.77 2.36 -21.28
C CYS B 51 -8.48 3.05 -21.77
N LEU B 52 -7.37 2.30 -21.77
CA LEU B 52 -6.10 2.80 -22.30
C LEU B 52 -5.77 2.13 -23.64
N THR B 55 -5.66 -1.71 -22.88
CA THR B 55 -5.79 -2.17 -21.49
C THR B 55 -6.85 -1.32 -20.77
N THR B 56 -7.81 -1.99 -20.13
CA THR B 56 -8.87 -1.35 -19.34
C THR B 56 -8.47 -1.33 -17.90
N VAL B 57 -8.54 -0.15 -17.26
CA VAL B 57 -8.22 -0.01 -15.86
C VAL B 57 -9.51 0.25 -15.09
N LYS B 58 -9.78 -0.63 -14.12
CA LYS B 58 -10.98 -0.57 -13.32
C LYS B 58 -10.61 -0.15 -11.91
N PHE B 59 -11.32 0.88 -11.41
CA PHE B 59 -11.13 1.40 -10.08
C PHE B 59 -12.26 0.99 -9.16
N GLU B 60 -11.89 0.44 -8.01
CA GLU B 60 -12.77 0.30 -6.86
C GLU B 60 -12.50 1.49 -5.92
N ILE B 61 -13.49 2.35 -5.77
CA ILE B 61 -13.30 3.71 -5.22
C ILE B 61 -13.97 3.81 -3.87
N TRP B 62 -13.14 4.09 -2.86
CA TRP B 62 -13.57 4.30 -1.49
C TRP B 62 -13.63 5.82 -1.19
N ASP B 63 -14.74 6.26 -0.68
CA ASP B 63 -14.96 7.64 -0.27
C ASP B 63 -14.72 7.65 1.29
N THR B 64 -14.15 8.75 1.78
CA THR B 64 -14.00 8.98 3.24
C THR B 64 -14.96 10.08 3.79
N ALA B 65 -15.92 10.54 2.98
CA ALA B 65 -16.89 11.51 3.43
C ALA B 65 -17.61 10.97 4.64
N GLY B 66 -17.72 11.77 5.69
CA GLY B 66 -18.35 11.31 6.91
C GLY B 66 -17.38 10.68 7.89
N GLN B 67 -16.15 10.40 7.43
CA GLN B 67 -15.16 9.65 8.24
C GLN B 67 -13.88 10.47 8.40
N GLU B 68 -13.88 11.73 7.95
CA GLU B 68 -12.65 12.53 7.76
C GLU B 68 -11.89 12.73 9.07
N ARG B 69 -12.67 12.88 10.15
CA ARG B 69 -12.11 13.07 11.52
C ARG B 69 -11.26 11.92 11.98
N TYR B 70 -11.55 10.71 11.53
CA TYR B 70 -11.04 9.50 12.15
C TYR B 70 -9.80 8.97 11.44
N HIS B 71 -8.67 9.62 11.68
CA HIS B 71 -7.41 9.22 11.07
C HIS B 71 -6.96 7.80 11.46
N SER B 72 -7.43 7.31 12.62
CA SER B 72 -7.24 5.97 13.06
C SER B 72 -7.87 4.86 12.16
N LEU B 73 -8.69 5.28 11.19
CA LEU B 73 -9.25 4.38 10.19
C LEU B 73 -8.31 4.14 9.01
N ALA B 74 -7.24 4.95 8.93
CA ALA B 74 -6.29 4.90 7.81
C ALA B 74 -5.79 3.49 7.47
N PRO B 75 -5.39 2.70 8.51
CA PRO B 75 -4.98 1.33 8.22
C PRO B 75 -5.95 0.55 7.31
N MET B 76 -7.24 0.63 7.59
CA MET B 76 -8.22 -0.12 6.82
C MET B 76 -8.39 0.47 5.43
N TYR B 77 -8.44 1.79 5.35
CA TYR B 77 -8.70 2.45 4.06
C TYR B 77 -7.52 2.32 3.11
N TYR B 78 -6.32 2.44 3.65
CA TYR B 78 -5.14 2.39 2.80
C TYR B 78 -4.68 0.98 2.50
N ARG B 79 -5.12 -0.01 3.27
CA ARG B 79 -4.70 -1.38 2.98
C ARG B 79 -5.27 -1.80 1.62
N GLY B 80 -4.38 -2.23 0.74
CA GLY B 80 -4.74 -2.71 -0.56
C GLY B 80 -5.09 -1.61 -1.55
N ALA B 81 -4.80 -0.37 -1.19
CA ALA B 81 -5.00 0.79 -2.08
C ALA B 81 -3.74 1.01 -2.97
N GLN B 82 -3.96 1.25 -4.27
CA GLN B 82 -2.87 1.53 -5.20
C GLN B 82 -2.82 3.00 -5.63
N ALA B 83 -3.88 3.72 -5.31
CA ALA B 83 -4.01 5.08 -5.65
C ALA B 83 -4.85 5.82 -4.63
N ALA B 84 -4.66 7.12 -4.60
CA ALA B 84 -5.45 8.04 -3.80
C ALA B 84 -5.57 9.41 -4.44
N ILE B 85 -6.70 10.07 -4.22
CA ILE B 85 -6.92 11.45 -4.64
C ILE B 85 -7.18 12.28 -3.41
N VAL B 86 -6.39 13.33 -3.23
CA VAL B 86 -6.61 14.29 -2.15
C VAL B 86 -7.24 15.51 -2.77
N VAL B 87 -8.44 15.88 -2.28
CA VAL B 87 -9.23 16.89 -2.89
C VAL B 87 -9.20 18.13 -1.96
N TYR B 88 -9.12 19.29 -2.60
CA TYR B 88 -9.40 20.59 -1.92
C TYR B 88 -10.41 21.38 -2.77
N ASP B 89 -10.87 22.54 -2.23
CA ASP B 89 -11.82 23.41 -2.86
C ASP B 89 -11.03 24.69 -3.23
N ILE B 90 -10.99 25.05 -4.51
CA ILE B 90 -10.14 26.19 -4.99
C ILE B 90 -10.63 27.52 -4.43
N THR B 91 -11.86 27.56 -3.92
CA THR B 91 -12.40 28.76 -3.29
C THR B 91 -12.07 28.93 -1.79
N ASN B 92 -11.34 27.97 -1.19
CA ASN B 92 -11.16 27.87 0.28
C ASN B 92 -9.72 27.45 0.62
N GLN B 93 -8.90 28.40 1.10
CA GLN B 93 -7.46 28.16 1.29
C GLN B 93 -7.16 27.15 2.40
N GLU B 94 -7.96 27.12 3.45
CA GLU B 94 -7.78 26.17 4.53
C GLU B 94 -7.89 24.71 4.01
N THR B 95 -8.70 24.51 2.96
CA THR B 95 -8.85 23.18 2.35
C THR B 95 -7.63 22.74 1.66
N PHE B 96 -6.92 23.66 1.07
CA PHE B 96 -5.61 23.36 0.45
C PHE B 96 -4.55 23.07 1.54
N ALA B 97 -4.46 23.92 2.54
CA ALA B 97 -3.62 23.64 3.69
C ALA B 97 -3.91 22.28 4.24
N ARG B 98 -5.20 21.94 4.27
CA ARG B 98 -5.58 20.60 4.79
C ARG B 98 -5.17 19.40 3.86
N ALA B 99 -5.30 19.61 2.56
CA ALA B 99 -4.88 18.61 1.56
C ALA B 99 -3.43 18.20 1.81
N LYS B 100 -2.60 19.13 2.27
CA LYS B 100 -1.17 18.80 2.53
C LYS B 100 -1.00 17.85 3.67
N THR B 101 -1.81 18.03 4.70
CA THR B 101 -1.81 17.10 5.80
C THR B 101 -2.15 15.66 5.35
N TRP B 102 -3.11 15.50 4.43
CA TRP B 102 -3.44 14.13 3.97
C TRP B 102 -2.38 13.54 3.02
N VAL B 103 -1.75 14.38 2.23
CA VAL B 103 -0.65 13.93 1.36
C VAL B 103 0.44 13.36 2.28
N LYS B 104 0.76 14.10 3.34
CA LYS B 104 1.78 13.66 4.29
C LYS B 104 1.36 12.35 4.98
N GLU B 105 0.11 12.25 5.39
CA GLU B 105 -0.38 11.01 5.97
C GLU B 105 -0.24 9.79 5.00
N LEU B 106 -0.62 9.98 3.72
CA LEU B 106 -0.43 8.92 2.72
C LEU B 106 1.04 8.49 2.57
N GLN B 107 1.93 9.47 2.45
CA GLN B 107 3.36 9.22 2.30
C GLN B 107 3.93 8.47 3.50
N ARG B 108 3.41 8.75 4.71
CA ARG B 108 3.86 8.08 5.91
C ARG B 108 3.21 6.72 6.14
N GLN B 109 1.97 6.56 5.72
CA GLN B 109 1.17 5.46 6.17
C GLN B 109 0.66 4.51 5.07
N ALA B 110 0.58 4.97 3.82
CA ALA B 110 0.13 4.10 2.69
C ALA B 110 1.28 3.34 2.08
N SER B 111 1.00 2.35 1.23
CA SER B 111 2.08 1.63 0.58
C SER B 111 3.02 2.64 -0.12
N PRO B 112 4.34 2.39 -0.12
CA PRO B 112 5.19 3.36 -0.80
C PRO B 112 4.96 3.49 -2.30
N SER B 113 4.28 2.50 -2.88
CA SER B 113 3.99 2.44 -4.28
C SER B 113 2.73 3.18 -4.71
N ILE B 114 1.98 3.72 -3.75
CA ILE B 114 0.72 4.36 -4.08
C ILE B 114 0.88 5.58 -5.04
N VAL B 115 -0.04 5.69 -6.03
CA VAL B 115 -0.09 6.85 -6.93
C VAL B 115 -1.03 7.87 -6.34
N ILE B 116 -0.53 9.09 -6.12
CA ILE B 116 -1.29 10.13 -5.39
C ILE B 116 -1.55 11.28 -6.35
N ALA B 117 -2.82 11.66 -6.44
CA ALA B 117 -3.26 12.81 -7.21
C ALA B 117 -3.82 13.83 -6.29
N LEU B 118 -3.69 15.07 -6.73
CA LEU B 118 -4.25 16.29 -6.09
C LEU B 118 -5.30 16.91 -7.00
N ALA B 119 -6.53 17.08 -6.46
CA ALA B 119 -7.61 17.70 -7.24
C ALA B 119 -8.05 19.00 -6.58
N GLY B 120 -7.85 20.10 -7.29
CA GLY B 120 -8.45 21.40 -6.96
C GLY B 120 -9.86 21.47 -7.52
N ASN B 121 -10.84 21.15 -6.67
CA ASN B 121 -12.24 21.03 -7.12
C ASN B 121 -13.01 22.35 -6.95
N LYS B 122 -14.19 22.38 -7.53
CA LYS B 122 -15.10 23.56 -7.60
C LYS B 122 -14.45 24.64 -8.45
N ALA B 123 -13.70 24.22 -9.47
CA ALA B 123 -13.03 25.19 -10.38
C ALA B 123 -14.02 25.96 -11.26
N ASP B 124 -15.29 25.53 -11.28
CA ASP B 124 -16.35 26.31 -11.96
C ASP B 124 -16.62 27.65 -11.25
N LEU B 125 -16.21 27.74 -10.00
CA LEU B 125 -16.35 28.97 -9.21
C LEU B 125 -15.05 29.75 -9.24
N ALA B 126 -14.48 29.91 -10.44
CA ALA B 126 -13.17 30.58 -10.59
C ALA B 126 -13.24 32.04 -10.13
N ASN B 127 -14.42 32.66 -10.26
CA ASN B 127 -14.67 34.02 -9.71
C ASN B 127 -14.86 34.04 -8.17
N LYS B 128 -14.43 32.98 -7.49
CA LYS B 128 -14.26 32.96 -6.02
C LYS B 128 -12.94 32.27 -5.63
N ARG B 129 -12.02 32.13 -6.57
CA ARG B 129 -10.79 31.43 -6.33
C ARG B 129 -9.97 32.05 -5.21
N MET B 130 -9.46 31.21 -4.30
CA MET B 130 -8.52 31.64 -3.22
C MET B 130 -7.24 30.81 -3.13
N VAL B 131 -7.19 29.71 -3.87
CA VAL B 131 -5.98 28.89 -3.89
C VAL B 131 -5.34 29.06 -5.24
N GLU B 132 -4.10 29.55 -5.24
CA GLU B 132 -3.45 29.81 -6.48
C GLU B 132 -3.09 28.49 -7.18
N TYR B 133 -3.48 28.41 -8.43
CA TYR B 133 -3.20 27.22 -9.26
C TYR B 133 -1.70 26.92 -9.22
N GLU B 134 -0.88 28.00 -9.23
CA GLU B 134 0.58 27.88 -9.24
C GLU B 134 1.16 27.40 -7.91
N GLU B 135 0.51 27.76 -6.80
CA GLU B 135 0.93 27.26 -5.54
C GLU B 135 0.62 25.78 -5.54
N ALA B 136 -0.59 25.41 -6.01
CA ALA B 136 -1.00 23.99 -6.03
C ALA B 136 -0.09 23.15 -6.98
N GLN B 137 0.17 23.68 -8.16
CA GLN B 137 1.00 22.97 -9.15
C GLN B 137 2.42 22.80 -8.61
N ALA B 138 2.99 23.87 -8.03
CA ALA B 138 4.32 23.79 -7.47
C ALA B 138 4.39 22.79 -6.35
N TYR B 139 3.39 22.81 -5.48
CA TYR B 139 3.27 21.87 -4.43
C TYR B 139 3.20 20.42 -4.96
N ALA B 140 2.37 20.21 -5.99
CA ALA B 140 2.21 18.88 -6.60
C ALA B 140 3.55 18.41 -7.17
N ASP B 141 4.23 19.30 -7.85
CA ASP B 141 5.52 18.96 -8.43
C ASP B 141 6.53 18.54 -7.35
N ASP B 142 6.58 19.30 -6.24
CA ASP B 142 7.51 18.98 -5.12
C ASP B 142 7.22 17.66 -4.44
N ASN B 143 6.02 17.13 -4.64
CA ASN B 143 5.60 15.92 -3.93
C ASN B 143 5.31 14.76 -4.86
N SER B 144 5.69 14.94 -6.10
CA SER B 144 5.51 13.98 -7.18
C SER B 144 4.05 13.55 -7.32
N LEU B 145 3.15 14.51 -7.16
CA LEU B 145 1.70 14.26 -7.37
C LEU B 145 1.21 14.67 -8.76
N LEU B 146 0.17 13.98 -9.24
CA LEU B 146 -0.60 14.41 -10.37
C LEU B 146 -1.45 15.54 -9.87
N PHE B 147 -1.67 16.53 -10.69
CA PHE B 147 -2.52 17.66 -10.32
C PHE B 147 -3.41 18.13 -11.46
N MET B 148 -4.71 18.30 -11.17
CA MET B 148 -5.59 19.02 -12.03
C MET B 148 -6.60 19.76 -11.19
N GLU B 149 -7.14 20.82 -11.74
CA GLU B 149 -8.34 21.41 -11.19
C GLU B 149 -9.54 20.68 -11.82
N THR B 150 -10.59 20.51 -11.02
CA THR B 150 -11.78 19.77 -11.44
C THR B 150 -13.04 20.53 -11.10
N SER B 151 -14.15 20.16 -11.77
CA SER B 151 -15.46 20.58 -11.35
C SER B 151 -16.38 19.37 -11.42
N ALA B 152 -16.75 18.80 -10.27
CA ALA B 152 -17.86 17.83 -10.26
C ALA B 152 -19.14 18.46 -10.86
N LYS B 153 -19.37 19.74 -10.62
CA LYS B 153 -20.59 20.41 -11.08
C LYS B 153 -20.74 20.41 -12.58
N THR B 154 -19.66 20.73 -13.30
CA THR B 154 -19.74 20.73 -14.80
C THR B 154 -19.16 19.46 -15.42
N ALA B 155 -18.43 18.67 -14.62
CA ALA B 155 -17.60 17.48 -15.01
C ALA B 155 -16.25 17.82 -15.61
N MET B 156 -15.93 19.12 -15.69
CA MET B 156 -14.62 19.53 -16.19
C MET B 156 -13.45 18.79 -15.48
N ASN B 157 -12.65 18.08 -16.32
CA ASN B 157 -11.45 17.34 -15.90
C ASN B 157 -11.65 16.15 -14.97
N VAL B 158 -12.88 15.72 -14.70
CA VAL B 158 -13.10 14.66 -13.72
C VAL B 158 -12.65 13.33 -14.33
N ASN B 159 -13.21 12.95 -15.46
CA ASN B 159 -12.73 11.71 -16.11
C ASN B 159 -11.23 11.74 -16.38
N ASP B 160 -10.71 12.91 -16.79
CA ASP B 160 -9.33 12.99 -17.18
C ASP B 160 -8.38 12.85 -15.98
N LEU B 161 -8.88 13.17 -14.80
CA LEU B 161 -8.09 12.95 -13.59
C LEU B 161 -7.91 11.46 -13.35
N PHE B 162 -9.00 10.70 -13.43
CA PHE B 162 -8.86 9.27 -13.25
C PHE B 162 -8.04 8.62 -14.37
N LEU B 163 -8.15 9.16 -15.60
CA LEU B 163 -7.33 8.70 -16.72
C LEU B 163 -5.86 8.89 -16.43
N ALA B 164 -5.49 10.05 -15.93
CA ALA B 164 -4.09 10.35 -15.65
C ALA B 164 -3.56 9.40 -14.56
N ILE B 165 -4.38 9.09 -13.57
CA ILE B 165 -4.00 8.14 -12.53
C ILE B 165 -3.81 6.74 -13.15
N ALA B 166 -4.77 6.32 -13.93
CA ALA B 166 -4.66 5.00 -14.61
C ALA B 166 -3.37 4.83 -15.40
N LYS B 167 -2.94 5.88 -16.08
CA LYS B 167 -1.71 5.82 -16.91
C LYS B 167 -0.46 5.64 -16.05
N LYS B 168 -0.51 6.10 -14.81
CA LYS B 168 0.63 6.02 -13.89
C LYS B 168 0.71 4.69 -13.14
N LEU B 169 -0.38 3.96 -13.07
CA LEU B 169 -0.48 2.68 -12.34
C LEU B 169 0.22 1.55 -13.08
N PRO B 170 0.57 0.44 -12.35
CA PRO B 170 1.33 -0.65 -12.99
C PRO B 170 0.53 -1.49 -13.98
N LYS B 171 1.17 -1.86 -15.08
CA LYS B 171 0.52 -2.72 -16.10
C LYS B 171 1.05 -4.13 -15.97
#